data_2OIU
#
_entry.id   2OIU
#
_cell.length_a   45.290
_cell.length_b   100.018
_cell.length_c   71.930
_cell.angle_alpha   90.00
_cell.angle_beta   104.42
_cell.angle_gamma   90.00
#
_symmetry.space_group_name_H-M   'P 1 21 1'
#
loop_
_entity.id
_entity.type
_entity.pdbx_description
1 polymer 'L1 Ribozyme RNA Ligase'
2 non-polymer 'MAGNESIUM ION'
3 water water
#
_entity_poly.entity_id   1
_entity_poly.type   'polyribonucleotide'
_entity_poly.pdbx_seq_one_letter_code
;GGACCUCGGCGAAAGCCGUUCGACCAGCGAAAGCUCUUAGACAGGAGGUUAGGUGCUCCGAAAGGAGCACU
;
_entity_poly.pdbx_strand_id   P,Q
#